data_5MGG
#
_entry.id   5MGG
#
_cell.length_a   80.702
_cell.length_b   96.706
_cell.length_c   57.547
_cell.angle_alpha   90.000
_cell.angle_beta   90.000
_cell.angle_gamma   90.000
#
_symmetry.space_group_name_H-M   'C 2 2 21'
#
loop_
_entity.id
_entity.type
_entity.pdbx_description
1 polymer 'Bromodomain adjacent to zinc finger domain protein 2B'
2 non-polymer 4-chloranyl-~{N}-methyl-pyridine-2-carboxamide
3 water water
#
_entity_poly.entity_id   1
_entity_poly.type   'polypeptide(L)'
_entity_poly.pdbx_seq_one_letter_code
;SMSVKKPKRDDSKDLALCSMILTEMETHEDAWPFLLPVNLKLVPGYKKVIKKPMDFSTIREKLSSGQYPNLETFALDVRL
VFDNCETFNEDDSDIGRAGHNMRKYFEKKWTDTFKV
;
_entity_poly.pdbx_strand_id   A
#
# COMPACT_ATOMS: atom_id res chain seq x y z
N SER A 1 -6.37 26.96 13.98
CA SER A 1 -7.52 27.64 13.40
C SER A 1 -7.05 28.84 12.59
N MET A 2 -7.98 29.70 12.17
CA MET A 2 -7.67 30.86 11.33
C MET A 2 -6.56 31.74 11.93
N SER A 3 -5.45 31.88 11.20
CA SER A 3 -4.28 32.70 11.61
C SER A 3 -3.54 32.13 12.82
N VAL A 4 -3.89 30.91 13.23
CA VAL A 4 -3.20 30.22 14.32
C VAL A 4 -2.56 28.97 13.74
N LYS A 5 -1.30 29.11 13.35
CA LYS A 5 -0.61 28.11 12.56
C LYS A 5 -0.05 27.00 13.46
N LYS A 6 -0.31 25.76 13.09
CA LYS A 6 0.25 24.62 13.77
C LYS A 6 1.58 24.30 13.09
N PRO A 7 2.66 24.13 13.87
CA PRO A 7 3.93 23.69 13.27
C PRO A 7 3.72 22.36 12.57
N LYS A 8 4.20 22.24 11.35
CA LYS A 8 4.01 21.02 10.58
C LYS A 8 5.32 20.50 10.05
N ARG A 9 5.41 19.19 9.85
CA ARG A 9 6.66 18.58 9.42
C ARG A 9 7.04 18.99 8.01
N ASP A 10 8.34 18.96 7.76
CA ASP A 10 8.85 19.12 6.41
C ASP A 10 8.48 17.90 5.58
N ASP A 11 7.73 18.12 4.51
CA ASP A 11 7.20 17.02 3.70
C ASP A 11 7.92 16.85 2.36
N SER A 12 9.00 17.60 2.18
CA SER A 12 9.64 17.70 0.87
C SER A 12 10.31 16.42 0.40
N LYS A 13 10.65 15.53 1.33
CA LYS A 13 11.25 14.26 0.95
C LYS A 13 10.23 13.12 0.91
N ASP A 14 8.98 13.42 1.25
CA ASP A 14 7.96 12.36 1.38
C ASP A 14 7.77 11.55 0.11
N LEU A 15 7.65 12.25 -1.03
CA LEU A 15 7.42 11.60 -2.31
C LEU A 15 8.54 10.61 -2.63
N ALA A 16 9.78 11.08 -2.48
CA ALA A 16 10.96 10.24 -2.70
C ALA A 16 10.99 9.04 -1.76
N LEU A 17 10.68 9.29 -0.49
CA LEU A 17 10.68 8.23 0.52
C LEU A 17 9.61 7.17 0.24
N CYS A 18 8.41 7.61 -0.15
CA CYS A 18 7.34 6.66 -0.47
C CYS A 18 7.71 5.84 -1.70
N SER A 19 8.36 6.46 -2.69
CA SER A 19 8.78 5.72 -3.86
C SER A 19 9.80 4.65 -3.45
N MET A 20 10.67 5.00 -2.52
CA MET A 20 11.71 4.10 -2.03
C MET A 20 11.10 2.91 -1.32
N ILE A 21 10.18 3.19 -0.41
CA ILE A 21 9.47 2.16 0.33
C ILE A 21 8.69 1.25 -0.61
N LEU A 22 8.05 1.85 -1.61
CA LEU A 22 7.28 1.07 -2.58
C LEU A 22 8.18 0.19 -3.43
N THR A 23 9.37 0.69 -3.78
CA THR A 23 10.34 -0.12 -4.52
C THR A 23 10.78 -1.34 -3.69
N GLU A 24 10.95 -1.12 -2.39
CA GLU A 24 11.33 -2.23 -1.50
C GLU A 24 10.20 -3.25 -1.39
N MET A 25 8.95 -2.78 -1.38
CA MET A 25 7.80 -3.68 -1.39
C MET A 25 7.81 -4.51 -2.66
N GLU A 26 7.96 -3.84 -3.79
CA GLU A 26 7.88 -4.48 -5.09
C GLU A 26 8.98 -5.52 -5.28
N THR A 27 10.13 -5.31 -4.64
CA THR A 27 11.25 -6.22 -4.82
C THR A 27 11.29 -7.36 -3.80
N HIS A 28 10.45 -7.26 -2.78
CA HIS A 28 10.26 -8.34 -1.78
C HIS A 28 9.79 -9.63 -2.47
N GLU A 29 10.33 -10.78 -2.05
CA GLU A 29 10.00 -12.02 -2.76
C GLU A 29 8.54 -12.42 -2.61
N ASP A 30 7.88 -11.96 -1.54
CA ASP A 30 6.47 -12.29 -1.35
C ASP A 30 5.54 -11.22 -1.95
N ALA A 31 6.07 -10.36 -2.80
CA ALA A 31 5.26 -9.29 -3.40
C ALA A 31 4.41 -9.79 -4.58
N TRP A 32 4.69 -11.00 -5.06
CA TRP A 32 4.08 -11.47 -6.29
C TRP A 32 2.54 -11.45 -6.33
N PRO A 33 1.84 -11.65 -5.18
CA PRO A 33 0.39 -11.58 -5.39
C PRO A 33 -0.13 -10.15 -5.56
N PHE A 34 0.72 -9.14 -5.37
CA PHE A 34 0.27 -7.75 -5.25
C PHE A 34 0.84 -6.79 -6.30
N LEU A 35 1.62 -7.33 -7.24
CA LEU A 35 2.33 -6.48 -8.19
C LEU A 35 1.39 -5.91 -9.24
N LEU A 36 0.35 -6.67 -9.57
CA LEU A 36 -0.59 -6.31 -10.62
C LEU A 36 -2.03 -6.39 -10.09
N PRO A 37 -2.97 -5.67 -10.73
CA PRO A 37 -4.38 -5.81 -10.35
C PRO A 37 -4.84 -7.26 -10.41
N VAL A 38 -5.72 -7.64 -9.50
CA VAL A 38 -6.35 -8.96 -9.60
C VAL A 38 -7.18 -8.96 -10.89
N ASN A 39 -7.04 -10.01 -11.69
CA ASN A 39 -7.78 -10.14 -12.94
C ASN A 39 -9.25 -10.49 -12.66
N LEU A 40 -10.10 -9.46 -12.71
CA LEU A 40 -11.50 -9.58 -12.29
C LEU A 40 -12.29 -10.50 -13.20
N LYS A 41 -11.68 -10.92 -14.32
CA LYS A 41 -12.37 -11.79 -15.27
C LYS A 41 -11.88 -13.23 -15.14
N LEU A 42 -10.89 -13.45 -14.29
CA LEU A 42 -10.34 -14.78 -14.10
C LEU A 42 -10.49 -15.23 -12.65
N VAL A 43 -10.78 -14.29 -11.76
CA VAL A 43 -10.91 -14.64 -10.35
C VAL A 43 -12.35 -14.52 -9.91
N PRO A 44 -12.97 -15.67 -9.65
CA PRO A 44 -14.36 -15.81 -9.24
C PRO A 44 -14.65 -15.10 -7.93
N GLY A 45 -15.62 -14.20 -7.94
CA GLY A 45 -16.06 -13.56 -6.70
C GLY A 45 -15.38 -12.27 -6.33
N TYR A 46 -14.21 -12.00 -6.90
CA TYR A 46 -13.40 -10.85 -6.46
C TYR A 46 -14.08 -9.49 -6.69
N LYS A 47 -14.58 -9.28 -7.91
CA LYS A 47 -15.24 -8.02 -8.26
C LYS A 47 -16.39 -7.67 -7.32
N LYS A 48 -17.21 -8.67 -6.99
CA LYS A 48 -18.38 -8.47 -6.13
C LYS A 48 -18.01 -8.29 -4.65
N VAL A 49 -16.99 -9.02 -4.20
CA VAL A 49 -16.63 -9.03 -2.79
C VAL A 49 -15.70 -7.86 -2.41
N ILE A 50 -14.73 -7.53 -3.28
CA ILE A 50 -13.74 -6.49 -2.97
C ILE A 50 -14.15 -5.17 -3.62
N LYS A 51 -14.68 -4.25 -2.83
CA LYS A 51 -15.23 -3.00 -3.35
C LYS A 51 -14.15 -2.04 -3.87
N LYS A 52 -12.97 -2.03 -3.23
CA LYS A 52 -11.88 -1.20 -3.75
C LYS A 52 -10.62 -2.03 -3.96
N PRO A 53 -10.49 -2.64 -5.14
CA PRO A 53 -9.25 -3.33 -5.47
C PRO A 53 -8.06 -2.37 -5.46
N MET A 54 -6.90 -2.84 -5.01
CA MET A 54 -5.68 -2.03 -5.03
C MET A 54 -4.50 -2.96 -5.19
N ASP A 55 -3.44 -2.48 -5.83
CA ASP A 55 -2.24 -3.28 -6.05
C ASP A 55 -1.04 -2.33 -6.15
N PHE A 56 0.18 -2.88 -6.06
CA PHE A 56 1.38 -2.04 -6.06
C PHE A 56 1.55 -1.22 -7.35
N SER A 57 1.27 -1.81 -8.51
CA SER A 57 1.51 -1.07 -9.75
C SER A 57 0.54 0.12 -9.87
N THR A 58 -0.68 -0.05 -9.34
CA THR A 58 -1.65 1.05 -9.32
C THR A 58 -1.18 2.15 -8.36
N ILE A 59 -0.71 1.74 -7.19
CA ILE A 59 -0.11 2.67 -6.23
C ILE A 59 1.09 3.40 -6.86
N ARG A 60 1.90 2.69 -7.63
CA ARG A 60 3.05 3.30 -8.29
C ARG A 60 2.61 4.35 -9.32
N GLU A 61 1.56 4.02 -10.07
CA GLU A 61 1.04 4.96 -11.05
C GLU A 61 0.48 6.21 -10.37
N LYS A 62 -0.30 6.02 -9.31
CA LYS A 62 -0.86 7.15 -8.55
C LYS A 62 0.27 8.02 -7.96
N LEU A 63 1.27 7.35 -7.38
CA LEU A 63 2.41 8.05 -6.78
C LEU A 63 3.12 8.90 -7.83
N SER A 64 3.30 8.33 -9.02
CA SER A 64 4.05 8.95 -10.11
C SER A 64 3.29 10.07 -10.86
N SER A 65 1.99 10.23 -10.57
CA SER A 65 1.15 11.19 -11.27
C SER A 65 0.46 12.13 -10.28
N GLY A 66 1.02 12.26 -9.08
CA GLY A 66 0.57 13.24 -8.10
C GLY A 66 -0.83 13.00 -7.57
N GLN A 67 -1.21 11.73 -7.45
CA GLN A 67 -2.55 11.41 -7.02
C GLN A 67 -2.65 11.16 -5.51
N TYR A 68 -1.51 11.15 -4.82
CA TYR A 68 -1.53 11.15 -3.36
C TYR A 68 -1.27 12.57 -2.82
N PRO A 69 -2.23 13.11 -2.08
CA PRO A 69 -2.09 14.42 -1.46
C PRO A 69 -1.03 14.45 -0.38
N ASN A 70 -0.85 13.32 0.30
CA ASN A 70 0.04 13.27 1.43
C ASN A 70 0.42 11.84 1.78
N LEU A 71 1.32 11.68 2.76
CA LEU A 71 1.80 10.38 3.22
C LEU A 71 0.66 9.42 3.56
N GLU A 72 -0.29 9.93 4.33
CA GLU A 72 -1.36 9.13 4.89
C GLU A 72 -2.23 8.48 3.82
N THR A 73 -2.51 9.19 2.74
CA THR A 73 -3.37 8.61 1.71
C THR A 73 -2.61 7.53 0.98
N PHE A 74 -1.30 7.71 0.85
CA PHE A 74 -0.45 6.66 0.29
C PHE A 74 -0.50 5.40 1.17
N ALA A 75 -0.36 5.59 2.48
CA ALA A 75 -0.37 4.47 3.43
C ALA A 75 -1.73 3.76 3.45
N LEU A 76 -2.80 4.53 3.23
CA LEU A 76 -4.15 3.97 3.17
C LEU A 76 -4.29 2.99 2.00
N ASP A 77 -3.74 3.36 0.84
CA ASP A 77 -3.77 2.47 -0.32
C ASP A 77 -2.95 1.21 -0.12
N VAL A 78 -1.76 1.35 0.47
CA VAL A 78 -0.92 0.20 0.74
C VAL A 78 -1.65 -0.76 1.70
N ARG A 79 -2.24 -0.20 2.75
CA ARG A 79 -2.96 -1.02 3.72
C ARG A 79 -4.20 -1.66 3.10
N LEU A 80 -4.83 -0.96 2.17
CA LEU A 80 -5.98 -1.49 1.45
C LEU A 80 -5.63 -2.80 0.71
N VAL A 81 -4.42 -2.84 0.17
CA VAL A 81 -3.92 -4.01 -0.54
C VAL A 81 -3.97 -5.23 0.41
N PHE A 82 -3.47 -5.03 1.62
CA PHE A 82 -3.37 -6.15 2.59
C PHE A 82 -4.72 -6.42 3.24
N ASP A 83 -5.54 -5.38 3.35
CA ASP A 83 -6.90 -5.54 3.85
C ASP A 83 -7.75 -6.36 2.90
N ASN A 84 -7.64 -6.08 1.60
CA ASN A 84 -8.35 -6.88 0.60
C ASN A 84 -7.86 -8.32 0.61
N CYS A 85 -6.55 -8.49 0.78
CA CYS A 85 -5.96 -9.82 0.78
C CYS A 85 -6.53 -10.67 1.92
N GLU A 86 -6.67 -10.06 3.09
CA GLU A 86 -7.18 -10.75 4.28
C GLU A 86 -8.65 -11.08 4.10
N THR A 87 -9.37 -10.19 3.42
CA THR A 87 -10.79 -10.36 3.18
C THR A 87 -11.05 -11.58 2.30
N PHE A 88 -10.16 -11.81 1.34
CA PHE A 88 -10.43 -12.77 0.29
C PHE A 88 -9.69 -14.09 0.47
N ASN A 89 -8.55 -14.05 1.14
CA ASN A 89 -7.69 -15.22 1.23
C ASN A 89 -7.61 -15.76 2.65
N GLU A 90 -7.57 -17.08 2.77
CA GLU A 90 -7.34 -17.74 4.06
C GLU A 90 -5.98 -17.35 4.61
N ASP A 91 -5.88 -17.20 5.93
CA ASP A 91 -4.59 -16.88 6.57
C ASP A 91 -3.53 -17.94 6.28
N ASP A 92 -3.94 -19.21 6.33
CA ASP A 92 -3.06 -20.34 6.06
C ASP A 92 -3.15 -20.72 4.58
N SER A 93 -2.93 -19.72 3.73
CA SER A 93 -2.78 -19.92 2.29
C SER A 93 -1.52 -19.19 1.90
N ASP A 94 -0.94 -19.52 0.74
CA ASP A 94 0.27 -18.84 0.31
C ASP A 94 0.05 -17.35 0.12
N ILE A 95 -1.07 -16.97 -0.51
CA ILE A 95 -1.36 -15.55 -0.74
C ILE A 95 -1.68 -14.86 0.58
N GLY A 96 -2.52 -15.49 1.40
CA GLY A 96 -2.83 -14.99 2.73
C GLY A 96 -1.60 -14.74 3.61
N ARG A 97 -0.64 -15.66 3.59
CA ARG A 97 0.55 -15.46 4.43
C ARG A 97 1.45 -14.38 3.81
N ALA A 98 1.52 -14.35 2.47
CA ALA A 98 2.24 -13.30 1.76
C ALA A 98 1.76 -11.93 2.22
N GLY A 99 0.44 -11.79 2.29
CA GLY A 99 -0.18 -10.54 2.71
C GLY A 99 0.25 -10.13 4.11
N HIS A 100 0.15 -11.06 5.06
CA HIS A 100 0.57 -10.79 6.43
C HIS A 100 2.06 -10.41 6.50
N ASN A 101 2.89 -11.14 5.77
CA ASN A 101 4.32 -10.82 5.68
C ASN A 101 4.57 -9.42 5.09
N MET A 102 3.90 -9.11 3.98
CA MET A 102 4.11 -7.83 3.30
C MET A 102 3.60 -6.67 4.16
N ARG A 103 2.47 -6.87 4.82
CA ARG A 103 1.96 -5.85 5.72
C ARG A 103 2.98 -5.55 6.82
N LYS A 104 3.50 -6.60 7.45
CA LYS A 104 4.46 -6.43 8.53
C LYS A 104 5.70 -5.71 8.00
N TYR A 105 6.18 -6.15 6.85
CA TYR A 105 7.32 -5.52 6.19
C TYR A 105 7.08 -4.01 5.96
N PHE A 106 5.90 -3.67 5.44
CA PHE A 106 5.54 -2.27 5.22
C PHE A 106 5.59 -1.46 6.49
N GLU A 107 4.87 -1.94 7.51
CA GLU A 107 4.74 -1.17 8.74
C GLU A 107 6.10 -0.91 9.39
N LYS A 108 7.04 -1.84 9.24
CA LYS A 108 8.37 -1.64 9.79
C LYS A 108 9.15 -0.58 9.00
N LYS A 109 9.08 -0.68 7.67
CA LYS A 109 9.69 0.33 6.80
C LYS A 109 9.06 1.69 7.11
N TRP A 110 7.73 1.72 7.22
CA TRP A 110 7.00 2.95 7.52
C TRP A 110 7.49 3.61 8.81
N THR A 111 7.51 2.82 9.88
CA THR A 111 7.98 3.28 11.19
C THR A 111 9.42 3.74 11.16
N ASP A 112 10.29 2.91 10.58
CA ASP A 112 11.70 3.23 10.47
C ASP A 112 11.94 4.53 9.69
N THR A 113 11.11 4.75 8.67
CA THR A 113 11.28 5.91 7.79
C THR A 113 10.72 7.20 8.37
N PHE A 114 9.51 7.17 8.90
CA PHE A 114 8.82 8.41 9.24
C PHE A 114 8.62 8.69 10.72
N LYS A 115 8.48 7.66 11.53
CA LYS A 115 8.24 7.86 12.95
C LYS A 115 9.59 8.01 13.66
N VAL A 116 9.86 9.23 14.14
CA VAL A 116 11.19 9.68 14.59
C VAL A 116 12.35 8.94 13.92
#